data_4JLH
#
_entry.id   4JLH
#
_cell.length_a   72.210
_cell.length_b   72.210
_cell.length_c   65.900
_cell.angle_alpha   90.000
_cell.angle_beta   90.000
_cell.angle_gamma   120.000
#
_symmetry.space_group_name_H-M   'P 31 2 1'
#
loop_
_entity.id
_entity.type
_entity.pdbx_description
1 polymer 'HIV-1 Integrase catalytic core domain'
2 non-polymer '(2S)-[6-bromo-4-(4-chlorophenyl)-2-methylquinolin-3-yl](methoxy)ethanoic acid'
3 non-polymer 'SULFATE ION'
4 water water
#
_entity_poly.entity_id   1
_entity_poly.type   'polypeptide(L)'
_entity_poly.pdbx_seq_one_letter_code
;MHGQVDCSPGIWQLD(CAF)THLEGKVILVAVHVASGYIEAEVIPAETGQETAYFLLKLAGRWPVKTVHTDNGSNFTSTT
VKTA(CAF)WWAGIKQEFGIPYNPQSQGVIESMNKELKKIIGQVRDQAEHLKTAVQMAVFIHNKKRKGGIGGYSAGERIV
DIIATDIQTKE
;
_entity_poly.pdbx_strand_id   A
#
loop_
_chem_comp.id
_chem_comp.type
_chem_comp.name
_chem_comp.formula
0L9 non-polymer '(2S)-[6-bromo-4-(4-chlorophenyl)-2-methylquinolin-3-yl](methoxy)ethanoic acid' 'C19 H15 Br Cl N O3'
SO4 non-polymer 'SULFATE ION' 'O4 S -2'
#
# COMPACT_ATOMS: atom_id res chain seq x y z
N CYS A 7 13.74 -4.79 -10.72
CA CYS A 7 12.31 -4.93 -10.31
C CYS A 7 11.37 -3.96 -11.06
N SER A 8 10.38 -4.53 -11.77
CA SER A 8 9.44 -3.76 -12.59
C SER A 8 8.72 -2.67 -11.77
N PRO A 9 8.54 -1.48 -12.37
CA PRO A 9 7.91 -0.30 -11.74
C PRO A 9 6.40 -0.43 -11.49
N GLY A 10 5.77 -1.40 -12.15
CA GLY A 10 4.33 -1.66 -12.09
C GLY A 10 3.89 -2.65 -11.02
N ILE A 11 4.86 -3.14 -10.23
CA ILE A 11 4.61 -4.13 -9.15
C ILE A 11 4.32 -3.52 -7.78
N TRP A 12 3.17 -3.89 -7.24
CA TRP A 12 2.75 -3.50 -5.89
C TRP A 12 2.49 -4.75 -5.06
N GLN A 13 2.73 -4.66 -3.74
CA GLN A 13 2.32 -5.67 -2.80
C GLN A 13 1.22 -5.11 -1.87
N LEU A 14 0.16 -5.89 -1.65
CA LEU A 14 -0.94 -5.47 -0.86
C LEU A 14 -1.22 -6.50 0.25
N ASP A 15 -1.30 -6.02 1.48
CA ASP A 15 -1.59 -6.85 2.63
C ASP A 15 -2.43 -6.07 3.61
N CAF A 16 -3.16 -7.01 4.58
CA CAF A 16 -3.87 -6.32 5.64
CB CAF A 16 -5.33 -6.76 5.81
C CAF A 16 -3.09 -6.59 6.89
O CAF A 16 -2.52 -7.66 7.13
SG CAF A 16 -6.25 -6.11 4.45
AS CAF A 16 -6.11 -7.89 3.10
CE1 CAF A 16 -8.05 -7.78 2.70
O1 CAF A 16 -5.65 -7.04 1.59
N THR A 17 -3.03 -5.47 8.03
CA THR A 17 -2.65 -5.83 9.40
C THR A 17 -3.75 -5.40 10.32
N HIS A 18 -3.67 -5.89 11.55
CA HIS A 18 -4.67 -5.66 12.54
C HIS A 18 -4.01 -4.87 13.63
N LEU A 19 -4.75 -3.90 14.13
CA LEU A 19 -4.30 -3.03 15.20
C LEU A 19 -5.56 -2.44 15.79
N GLU A 20 -5.66 -2.52 17.12
CA GLU A 20 -6.78 -1.93 17.87
C GLU A 20 -8.15 -2.45 17.41
N GLY A 21 -8.17 -3.73 17.03
CA GLY A 21 -9.38 -4.34 16.49
C GLY A 21 -9.76 -3.89 15.10
N LYS A 22 -8.94 -3.02 14.48
CA LYS A 22 -9.27 -2.53 13.14
C LYS A 22 -8.32 -3.10 12.11
N VAL A 23 -8.64 -2.90 10.84
CA VAL A 23 -7.87 -3.50 9.74
C VAL A 23 -7.18 -2.41 8.98
N ILE A 24 -5.88 -2.57 8.69
CA ILE A 24 -5.10 -1.59 7.95
C ILE A 24 -4.67 -2.23 6.68
N LEU A 25 -5.17 -1.74 5.56
CA LEU A 25 -4.66 -2.24 4.30
C LEU A 25 -3.45 -1.43 3.84
N VAL A 26 -2.35 -2.14 3.55
CA VAL A 26 -1.07 -1.53 3.23
C VAL A 26 -0.65 -1.96 1.83
N ALA A 27 -0.53 -0.99 0.90
CA ALA A 27 0.06 -1.25 -0.42
C ALA A 27 1.49 -0.66 -0.44
N VAL A 28 2.45 -1.47 -0.91
CA VAL A 28 3.86 -1.11 -0.99
C VAL A 28 4.29 -1.16 -2.45
N HIS A 29 4.82 -0.05 -2.97
CA HIS A 29 5.42 -0.06 -4.30
C HIS A 29 6.79 -0.74 -4.16
N VAL A 30 6.91 -1.93 -4.73
CA VAL A 30 8.05 -2.81 -4.44
C VAL A 30 9.40 -2.17 -4.84
N ALA A 31 9.46 -1.58 -6.03
CA ALA A 31 10.76 -1.05 -6.49
C ALA A 31 11.22 0.12 -5.66
N SER A 32 10.31 0.81 -4.97
CA SER A 32 10.72 2.02 -4.23
C SER A 32 10.56 2.00 -2.71
N GLY A 33 9.70 1.14 -2.16
CA GLY A 33 9.37 1.20 -0.72
C GLY A 33 8.27 2.20 -0.33
N TYR A 34 7.69 2.87 -1.33
CA TYR A 34 6.62 3.85 -1.14
C TYR A 34 5.35 3.13 -0.68
N ILE A 35 4.61 3.74 0.23
CA ILE A 35 3.43 3.10 0.79
C ILE A 35 2.17 3.96 0.62
N GLU A 36 1.04 3.28 0.39
CA GLU A 36 -0.28 3.83 0.59
C GLU A 36 -1.00 2.90 1.54
N ALA A 37 -1.76 3.46 2.47
CA ALA A 37 -2.46 2.65 3.47
C ALA A 37 -3.77 3.32 3.87
N GLU A 38 -4.67 2.52 4.43
CA GLU A 38 -6.03 2.97 4.68
C GLU A 38 -6.56 2.03 5.76
N VAL A 39 -7.37 2.59 6.67
CA VAL A 39 -7.95 1.81 7.73
C VAL A 39 -9.29 1.44 7.14
N ILE A 40 -9.55 0.14 7.11
CA ILE A 40 -10.85 -0.33 6.60
C ILE A 40 -11.65 -0.98 7.72
N PRO A 41 -13.00 -0.97 7.61
CA PRO A 41 -13.77 -1.47 8.74
C PRO A 41 -13.65 -2.98 8.82
N ALA A 42 -13.60 -3.65 7.67
CA ALA A 42 -13.56 -5.10 7.66
C ALA A 42 -12.72 -5.59 6.54
N GLU A 43 -12.07 -6.73 6.74
CA GLU A 43 -11.37 -7.41 5.66
C GLU A 43 -12.46 -8.01 4.75
N THR A 44 -12.82 -7.29 3.68
CA THR A 44 -13.84 -7.75 2.71
C THR A 44 -13.39 -7.57 1.27
N GLY A 45 -13.89 -8.44 0.40
CA GLY A 45 -13.65 -8.38 -1.06
C GLY A 45 -13.94 -6.98 -1.55
N GLN A 46 -15.01 -6.39 -1.03
CA GLN A 46 -15.45 -5.08 -1.46
C GLN A 46 -14.47 -3.97 -1.08
N GLU A 47 -13.89 -4.03 0.12
CA GLU A 47 -12.92 -3.04 0.54
C GLU A 47 -11.64 -3.18 -0.27
N THR A 48 -11.25 -4.42 -0.54
CA THR A 48 -10.04 -4.68 -1.29
C THR A 48 -10.20 -4.18 -2.73
N ALA A 49 -11.35 -4.44 -3.33
CA ALA A 49 -11.62 -4.05 -4.72
C ALA A 49 -11.57 -2.55 -4.80
N TYR A 50 -12.23 -1.90 -3.83
CA TYR A 50 -12.30 -0.44 -3.78
C TYR A 50 -10.93 0.16 -3.65
N PHE A 51 -10.12 -0.41 -2.77
CA PHE A 51 -8.75 0.09 -2.59
C PHE A 51 -7.91 -0.05 -3.90
N LEU A 52 -8.08 -1.17 -4.59
CA LEU A 52 -7.37 -1.43 -5.84
C LEU A 52 -7.75 -0.40 -6.89
N LEU A 53 -9.04 -0.09 -7.00
CA LEU A 53 -9.47 0.92 -7.99
C LEU A 53 -8.83 2.26 -7.75
N LYS A 54 -8.87 2.68 -6.50
CA LYS A 54 -8.23 3.89 -6.05
C LYS A 54 -6.74 3.90 -6.36
N LEU A 55 -6.03 2.85 -5.98
CA LEU A 55 -4.58 2.76 -6.25
C LEU A 55 -4.25 2.84 -7.76
N ALA A 56 -4.99 2.06 -8.55
CA ALA A 56 -4.74 2.02 -9.98
C ALA A 56 -5.04 3.36 -10.69
N GLY A 57 -5.91 4.19 -10.10
CA GLY A 57 -6.26 5.47 -10.71
C GLY A 57 -5.17 6.49 -10.52
N ARG A 58 -4.30 6.17 -9.57
CA ARG A 58 -3.25 7.07 -9.12
C ARG A 58 -1.86 6.71 -9.68
N TRP A 59 -1.54 5.42 -9.74
CA TRP A 59 -0.24 4.95 -10.23
C TRP A 59 -0.46 3.95 -11.37
N PRO A 60 0.58 3.69 -12.20
CA PRO A 60 0.33 2.68 -13.22
C PRO A 60 0.57 1.30 -12.60
N VAL A 61 -0.50 0.70 -12.05
CA VAL A 61 -0.47 -0.60 -11.39
C VAL A 61 -0.65 -1.69 -12.47
N LYS A 62 0.38 -2.49 -12.66
CA LYS A 62 0.34 -3.59 -13.62
C LYS A 62 0.05 -4.92 -12.91
N THR A 63 0.83 -5.20 -11.86
CA THR A 63 0.63 -6.46 -11.17
C THR A 63 0.61 -6.22 -9.66
N VAL A 64 -0.12 -7.07 -8.94
CA VAL A 64 -0.24 -6.96 -7.50
C VAL A 64 0.13 -8.32 -6.89
N HIS A 65 1.01 -8.30 -5.88
CA HIS A 65 1.31 -9.48 -5.10
C HIS A 65 0.72 -9.35 -3.70
N THR A 66 0.58 -10.44 -3.00
CA THR A 66 0.10 -10.42 -1.66
C THR A 66 0.74 -11.58 -0.91
N ASP A 67 0.72 -11.50 0.41
CA ASP A 67 1.13 -12.65 1.23
C ASP A 67 -0.06 -13.53 1.64
N ASN A 68 -1.28 -13.17 1.25
CA ASN A 68 -2.42 -14.04 1.53
C ASN A 68 -3.20 -14.13 0.25
N GLY A 69 -2.91 -15.14 -0.56
CA GLY A 69 -3.59 -15.28 -1.86
C GLY A 69 -5.12 -15.38 -1.81
N SER A 70 -5.68 -15.90 -0.72
CA SER A 70 -7.14 -16.01 -0.66
C SER A 70 -7.82 -14.62 -0.63
N ASN A 71 -7.04 -13.60 -0.28
CA ASN A 71 -7.43 -12.18 -0.30
C ASN A 71 -8.04 -11.80 -1.65
N PHE A 72 -7.55 -12.41 -2.73
CA PHE A 72 -7.87 -12.00 -4.11
C PHE A 72 -8.79 -12.97 -4.84
N THR A 73 -9.49 -13.86 -4.13
CA THR A 73 -10.31 -14.86 -4.83
C THR A 73 -11.76 -14.44 -5.10
N SER A 74 -12.29 -13.47 -4.36
CA SER A 74 -13.69 -13.06 -4.63
C SER A 74 -13.90 -12.46 -6.04
N THR A 75 -15.08 -12.70 -6.61
CA THR A 75 -15.42 -12.14 -7.91
C THR A 75 -15.39 -10.60 -7.83
N THR A 76 -15.73 -10.05 -6.67
CA THR A 76 -15.71 -8.62 -6.45
C THR A 76 -14.30 -8.07 -6.73
N VAL A 77 -13.25 -8.69 -6.16
CA VAL A 77 -11.87 -8.30 -6.37
C VAL A 77 -11.41 -8.56 -7.83
N LYS A 78 -11.69 -9.75 -8.36
CA LYS A 78 -11.26 -10.04 -9.72
C LYS A 78 -11.91 -9.07 -10.72
N THR A 79 -13.13 -8.61 -10.46
CA THR A 79 -13.80 -7.60 -11.33
C THR A 79 -13.07 -6.25 -11.24
N ALA A 80 -12.69 -5.84 -10.03
CA ALA A 80 -11.89 -4.59 -9.94
C ALA A 80 -10.63 -4.78 -10.77
N CAF A 81 -9.74 -5.99 -10.70
CA CAF A 81 -8.47 -6.08 -11.44
CB CAF A 81 -7.78 -7.39 -11.06
C CAF A 81 -8.71 -5.98 -12.94
O CAF A 81 -7.90 -5.56 -13.74
SG CAF A 81 -7.30 -7.28 -9.35
AS CAF A 81 -5.77 -8.89 -9.25
CE1 CAF A 81 -5.56 -8.33 -7.38
O1 CAF A 81 -7.04 -9.98 -8.70
N TRP A 82 -9.99 -6.89 -13.28
CA TRP A 82 -10.41 -6.91 -14.72
C TRP A 82 -10.58 -5.47 -15.20
N TRP A 83 -11.34 -4.67 -14.46
CA TRP A 83 -11.69 -3.33 -14.94
C TRP A 83 -10.48 -2.41 -15.09
N ALA A 84 -9.60 -2.45 -14.09
CA ALA A 84 -8.40 -1.61 -14.06
C ALA A 84 -7.24 -2.17 -14.88
N GLY A 85 -7.39 -3.40 -15.38
CA GLY A 85 -6.34 -4.05 -16.18
C GLY A 85 -5.16 -4.50 -15.33
N ILE A 86 -5.45 -4.95 -14.11
CA ILE A 86 -4.42 -5.42 -13.18
C ILE A 86 -4.31 -6.95 -13.28
N LYS A 87 -3.09 -7.48 -13.24
CA LYS A 87 -2.93 -8.91 -13.07
C LYS A 87 -2.34 -9.25 -11.70
N GLN A 88 -2.41 -10.52 -11.34
CA GLN A 88 -1.91 -10.97 -10.07
C GLN A 88 -0.53 -11.59 -10.23
N GLU A 89 -0.08 -12.25 -9.17
CA GLU A 89 1.07 -13.16 -9.19
C GLU A 89 0.77 -14.38 -8.30
N PHE A 90 1.23 -15.55 -8.75
CA PHE A 90 0.88 -16.90 -8.25
C PHE A 90 -0.48 -17.27 -8.87
N GLU A 103 10.94 -5.39 3.45
CA GLU A 103 9.89 -6.39 3.66
C GLU A 103 10.24 -7.39 4.76
N SER A 104 9.54 -7.31 5.89
CA SER A 104 8.39 -6.39 6.03
C SER A 104 8.71 -4.93 6.34
N MET A 105 8.17 -4.06 5.48
CA MET A 105 8.09 -2.62 5.71
C MET A 105 6.79 -2.35 6.47
N ASN A 106 6.13 -3.45 6.85
CA ASN A 106 4.92 -3.43 7.66
C ASN A 106 5.27 -3.29 9.12
N LYS A 107 6.38 -3.90 9.53
CA LYS A 107 6.84 -3.84 10.93
C LYS A 107 7.30 -2.41 11.24
N GLU A 108 8.02 -1.81 10.29
CA GLU A 108 8.47 -0.44 10.37
C GLU A 108 7.31 0.58 10.40
N LEU A 109 6.26 0.32 9.62
CA LEU A 109 5.06 1.17 9.64
C LEU A 109 4.36 1.12 10.99
N LYS A 110 4.29 -0.09 11.57
CA LYS A 110 3.69 -0.32 12.88
C LYS A 110 4.47 0.39 14.00
N LYS A 111 5.81 0.27 13.96
CA LYS A 111 6.69 1.10 14.78
C LYS A 111 6.30 2.60 14.67
N ILE A 112 6.32 3.15 13.45
CA ILE A 112 5.97 4.57 13.28
C ILE A 112 4.59 4.90 13.89
N ILE A 113 3.59 4.07 13.57
CA ILE A 113 2.25 4.25 14.11
C ILE A 113 2.28 4.36 15.66
N GLY A 114 2.95 3.42 16.34
CA GLY A 114 3.04 3.47 17.80
C GLY A 114 3.67 4.78 18.27
N GLN A 115 4.72 5.20 17.56
CA GLN A 115 5.40 6.48 17.83
C GLN A 115 4.51 7.73 17.72
N VAL A 116 3.60 7.80 16.75
CA VAL A 116 2.70 8.97 16.65
C VAL A 116 1.32 8.73 17.21
N ARG A 117 1.08 7.52 17.73
CA ARG A 117 -0.27 7.14 18.10
C ARG A 117 -1.00 8.18 18.97
N ASP A 118 -0.29 8.73 19.96
CA ASP A 118 -0.86 9.68 20.91
C ASP A 118 -1.25 11.02 20.28
N GLN A 119 -0.72 11.31 19.10
CA GLN A 119 -0.95 12.60 18.44
C GLN A 119 -2.35 12.71 17.83
N ALA A 120 -3.11 11.63 17.86
CA ALA A 120 -4.41 11.60 17.23
C ALA A 120 -5.35 10.76 18.01
N GLU A 121 -6.63 11.13 17.97
CA GLU A 121 -7.69 10.32 18.53
C GLU A 121 -7.88 9.02 17.73
N HIS A 122 -8.18 9.14 16.44
CA HIS A 122 -8.50 7.99 15.62
C HIS A 122 -7.26 7.31 15.04
N LEU A 123 -7.21 5.99 15.13
CA LEU A 123 -6.11 5.24 14.51
C LEU A 123 -5.93 5.61 13.01
N LYS A 124 -7.03 5.83 12.29
CA LYS A 124 -6.97 6.13 10.83
C LYS A 124 -6.05 7.33 10.59
N THR A 125 -6.19 8.38 11.42
CA THR A 125 -5.34 9.55 11.40
C THR A 125 -3.86 9.24 11.68
N ALA A 126 -3.61 8.51 12.79
CA ALA A 126 -2.26 8.04 13.08
C ALA A 126 -1.63 7.28 11.90
N VAL A 127 -2.40 6.42 11.25
CA VAL A 127 -1.88 5.64 10.11
C VAL A 127 -1.39 6.56 8.97
N GLN A 128 -2.19 7.58 8.62
CA GLN A 128 -1.78 8.53 7.56
C GLN A 128 -0.53 9.34 7.97
N MET A 129 -0.44 9.70 9.24
CA MET A 129 0.78 10.36 9.77
C MET A 129 1.99 9.47 9.58
N ALA A 130 1.83 8.19 9.86
CA ALA A 130 2.90 7.23 9.74
C ALA A 130 3.30 7.01 8.27
N VAL A 131 2.32 6.94 7.37
CA VAL A 131 2.59 6.84 5.94
C VAL A 131 3.38 8.07 5.47
N PHE A 132 2.93 9.27 5.86
CA PHE A 132 3.64 10.51 5.57
C PHE A 132 5.10 10.38 6.02
N ILE A 133 5.29 9.97 7.26
CA ILE A 133 6.64 9.94 7.82
C ILE A 133 7.49 8.94 7.04
N HIS A 134 6.90 7.77 6.78
CA HIS A 134 7.62 6.73 6.04
C HIS A 134 8.03 7.22 4.65
N ASN A 135 7.11 7.85 3.93
CA ASN A 135 7.34 8.22 2.54
C ASN A 135 8.29 9.41 2.41
N LYS A 136 8.38 10.24 3.46
CA LYS A 136 9.25 11.43 3.40
C LYS A 136 10.67 11.23 3.97
N LYS A 137 10.89 10.15 4.71
CA LYS A 137 12.17 9.87 5.36
C LYS A 137 13.31 9.58 4.36
N ARG A 138 14.37 10.38 4.47
CA ARG A 138 15.58 10.24 3.66
C ARG A 138 16.26 8.89 4.00
N LYS A 139 16.32 7.99 3.02
CA LYS A 139 16.86 6.65 3.24
C LYS A 139 18.19 6.50 2.54
N GLY A 140 19.18 6.04 3.29
CA GLY A 140 20.52 5.83 2.76
C GLY A 140 21.55 6.74 3.41
N GLY A 141 21.77 6.56 4.71
CA GLY A 141 22.79 7.33 5.44
C GLY A 141 23.53 6.52 6.48
N GLY A 144 21.14 10.01 -1.10
CA GLY A 144 19.94 9.21 -0.87
C GLY A 144 18.62 9.96 -1.03
N TYR A 145 17.56 9.22 -1.31
CA TYR A 145 16.25 9.84 -1.50
C TYR A 145 15.24 9.23 -0.51
N SER A 146 14.09 9.87 -0.39
CA SER A 146 12.94 9.27 0.28
C SER A 146 12.20 8.31 -0.66
N ALA A 147 11.40 7.42 -0.10
CA ALA A 147 10.54 6.59 -0.92
C ALA A 147 9.61 7.42 -1.86
N GLY A 148 9.10 8.55 -1.37
CA GLY A 148 8.25 9.43 -2.19
C GLY A 148 8.98 9.99 -3.41
N GLU A 149 10.25 10.32 -3.23
CA GLU A 149 11.08 10.78 -4.34
C GLU A 149 11.40 9.62 -5.31
N ARG A 150 11.72 8.44 -4.75
CA ARG A 150 12.10 7.29 -5.58
C ARG A 150 10.96 6.81 -6.47
N ILE A 151 9.72 6.75 -5.96
CA ILE A 151 8.64 6.26 -6.78
C ILE A 151 8.45 7.19 -8.01
N VAL A 152 8.46 8.48 -7.76
CA VAL A 152 8.24 9.43 -8.82
C VAL A 152 9.38 9.33 -9.85
N ASP A 153 10.61 9.21 -9.35
CA ASP A 153 11.79 9.10 -10.23
C ASP A 153 11.71 7.82 -11.06
N ILE A 154 11.35 6.72 -10.41
CA ILE A 154 11.25 5.44 -11.08
C ILE A 154 10.18 5.48 -12.17
N ILE A 155 8.98 5.96 -11.83
CA ILE A 155 7.89 5.99 -12.81
C ILE A 155 8.10 6.97 -13.97
N ALA A 156 8.66 8.14 -13.70
CA ALA A 156 8.97 9.10 -14.77
C ALA A 156 10.00 8.53 -15.76
N THR A 157 11.07 7.93 -15.22
CA THR A 157 12.16 7.36 -16.04
C THR A 157 11.56 6.31 -16.95
N ASP A 158 10.68 5.47 -16.38
CA ASP A 158 9.97 4.43 -17.14
C ASP A 158 9.03 4.97 -18.24
N ILE A 159 8.43 6.13 -17.99
CA ILE A 159 7.63 6.82 -19.02
C ILE A 159 8.47 7.28 -20.22
N GLN A 160 9.53 8.04 -19.98
CA GLN A 160 10.34 8.60 -21.07
C GLN A 160 11.27 7.56 -21.73
CL1 0L9 B . -15.08 -2.41 -11.45
C19 0L9 B . -16.14 -3.02 -10.19
C20 0L9 B . -17.46 -2.55 -10.16
C21 0L9 B . -18.29 -3.08 -9.17
C18 0L9 B . -15.60 -3.90 -9.30
C17 0L9 B . -16.44 -4.41 -8.31
C10 0L9 B . -17.78 -3.99 -8.26
C9 0L9 B . -18.65 -4.51 -7.17
C8 0L9 B . -18.98 -3.69 -6.07
C11 0L9 B . -18.53 -2.27 -6.06
O13 0L9 B . -17.89 -1.96 -4.82
C14 0L9 B . -16.48 -2.31 -4.88
C12 0L9 B . -19.72 -1.36 -6.35
O1 0L9 B . -19.83 -0.27 -5.75
O2 0L9 B . -20.58 -1.71 -7.22
C5 0L9 B . -19.08 -5.84 -7.16
C6 0L9 B . -18.77 -6.73 -8.21
C1 0L9 B . -19.27 -8.04 -8.10
BR 0L9 B . -18.87 -9.25 -9.48
C2 0L9 B . -20.05 -8.48 -7.06
C3 0L9 B . -20.38 -7.61 -6.05
C4 0L9 B . -19.88 -6.30 -6.12
N 0L9 B . -20.20 -5.49 -5.10
C7 0L9 B . -19.79 -4.21 -5.04
C16 0L9 B . -20.29 -3.49 -3.83
S SO4 C . -2.71 -9.26 10.77
O1 SO4 C . -3.88 -8.87 9.99
O2 SO4 C . -1.58 -9.46 9.87
O3 SO4 C . -3.01 -10.49 11.49
O4 SO4 C . -2.38 -8.20 11.72
#